data_2QYS
#
_entry.id   2QYS
#
_cell.length_a   79.412
_cell.length_b   86.320
_cell.length_c   98.199
_cell.angle_alpha   90.000
_cell.angle_beta   90.000
_cell.angle_gamma   90.000
#
_symmetry.space_group_name_H-M   'P 21 21 21'
#
loop_
_entity.id
_entity.type
_entity.pdbx_description
1 polymer 'Eugenol synthase 1'
2 water water
#
_entity_poly.entity_id   1
_entity_poly.type   'polypeptide(L)'
_entity_poly.pdbx_seq_one_letter_code
;SGHGMEENGMKSKILIFGGTGYIGNHMVKGSLKLGHPTYVFTRPNSSKTTLLDEFQSLGAIIVKGELDEHEKLVELMKKV
DVVISALAFPQILDQFKILEAIKVAGNIKRFLPSDFGVEEDRINALPPFEALIERKRMIRRAIEEANIPYTYVSANCFAS
YFINYLLRPYDPKDEITVYGTGEAKFAMNYEQDIGLYTIKVATDPRALNRVVIYRPSTNIITQLELISRWEKKIGKKFKK
IHVPEEEIVALTKELPEPENIPIAILHCLFIDGATMSYDFKENDVEASTLYPELKFTTIDELLDIFVHDPPPPASAAF
;
_entity_poly.pdbx_strand_id   A,B
#
# COMPACT_ATOMS: atom_id res chain seq x y z
N GLY A 9 -13.95 -35.44 14.65
CA GLY A 9 -15.11 -36.26 15.10
C GLY A 9 -16.42 -35.50 15.03
N MET A 10 -16.83 -34.91 16.15
CA MET A 10 -18.08 -34.16 16.22
C MET A 10 -17.85 -32.68 15.90
N LYS A 11 -16.58 -32.29 15.78
CA LYS A 11 -16.22 -30.91 15.47
C LYS A 11 -16.87 -30.44 14.17
N SER A 12 -17.51 -29.28 14.20
CA SER A 12 -18.16 -28.74 13.02
C SER A 12 -17.10 -28.44 11.95
N LYS A 13 -17.45 -28.68 10.69
CA LYS A 13 -16.53 -28.41 9.59
C LYS A 13 -16.67 -26.93 9.26
N ILE A 14 -15.55 -26.22 9.26
CA ILE A 14 -15.55 -24.78 9.01
C ILE A 14 -14.96 -24.36 7.68
N LEU A 15 -15.73 -23.54 6.95
CA LEU A 15 -15.31 -23.02 5.66
C LEU A 15 -15.03 -21.53 5.83
N ILE A 16 -13.82 -21.11 5.46
CA ILE A 16 -13.42 -19.72 5.61
C ILE A 16 -13.10 -19.03 4.29
N PHE A 17 -13.66 -17.84 4.10
CA PHE A 17 -13.40 -17.04 2.91
C PHE A 17 -12.51 -15.89 3.36
N GLY A 18 -11.53 -15.52 2.55
CA GLY A 18 -10.64 -14.43 2.93
C GLY A 18 -9.62 -14.91 3.96
N GLY A 19 -9.38 -16.21 3.97
CA GLY A 19 -8.44 -16.80 4.89
C GLY A 19 -7.01 -16.29 4.81
N THR A 20 -6.59 -15.83 3.63
CA THR A 20 -5.23 -15.31 3.45
C THR A 20 -5.17 -13.83 3.77
N GLY A 21 -6.30 -13.28 4.21
CA GLY A 21 -6.37 -11.87 4.56
C GLY A 21 -5.75 -11.57 5.90
N TYR A 22 -5.68 -10.29 6.25
CA TYR A 22 -5.06 -9.87 7.51
C TYR A 22 -5.66 -10.58 8.74
N ILE A 23 -6.95 -10.41 8.95
CA ILE A 23 -7.57 -11.05 10.11
C ILE A 23 -7.97 -12.50 9.78
N GLY A 24 -8.21 -12.76 8.50
CA GLY A 24 -8.61 -14.10 8.10
C GLY A 24 -7.63 -15.20 8.44
N ASN A 25 -6.33 -14.94 8.31
CA ASN A 25 -5.36 -16.00 8.59
C ASN A 25 -5.37 -16.40 10.05
N HIS A 26 -5.82 -15.51 10.94
CA HIS A 26 -5.87 -15.85 12.36
C HIS A 26 -7.09 -16.73 12.65
N MET A 27 -8.12 -16.58 11.83
CA MET A 27 -9.31 -17.39 12.00
C MET A 27 -8.99 -18.81 11.50
N VAL A 28 -8.21 -18.88 10.42
CA VAL A 28 -7.82 -20.19 9.89
C VAL A 28 -6.95 -20.92 10.92
N LYS A 29 -5.96 -20.23 11.47
CA LYS A 29 -5.08 -20.83 12.46
C LYS A 29 -5.84 -21.20 13.74
N GLY A 30 -6.78 -20.35 14.13
CA GLY A 30 -7.56 -20.62 15.33
C GLY A 30 -8.46 -21.83 15.13
N SER A 31 -9.02 -21.97 13.93
CA SER A 31 -9.91 -23.07 13.62
C SER A 31 -9.15 -24.38 13.73
N LEU A 32 -7.95 -24.41 13.16
CA LEU A 32 -7.13 -25.62 13.18
C LEU A 32 -6.64 -25.94 14.60
N LYS A 33 -6.24 -24.90 15.34
CA LYS A 33 -5.77 -25.09 16.71
C LYS A 33 -6.88 -25.69 17.57
N LEU A 34 -8.12 -25.38 17.25
CA LEU A 34 -9.25 -25.89 18.01
C LEU A 34 -9.74 -27.26 17.51
N GLY A 35 -9.00 -27.84 16.57
CA GLY A 35 -9.33 -29.16 16.05
C GLY A 35 -10.47 -29.25 15.06
N HIS A 36 -10.85 -28.13 14.46
CA HIS A 36 -11.94 -28.12 13.49
C HIS A 36 -11.46 -28.43 12.08
N PRO A 37 -12.22 -29.26 11.34
CA PRO A 37 -11.80 -29.55 9.97
C PRO A 37 -11.91 -28.17 9.32
N THR A 38 -10.84 -27.70 8.69
CA THR A 38 -10.85 -26.37 8.11
C THR A 38 -10.66 -26.27 6.60
N TYR A 39 -11.64 -25.68 5.93
CA TYR A 39 -11.59 -25.48 4.48
C TYR A 39 -11.29 -24.02 4.19
N VAL A 40 -10.30 -23.78 3.34
CA VAL A 40 -9.89 -22.44 2.97
C VAL A 40 -10.10 -22.20 1.48
N PHE A 41 -11.08 -21.37 1.14
CA PHE A 41 -11.37 -21.06 -0.26
C PHE A 41 -10.47 -19.89 -0.64
N THR A 42 -9.69 -20.06 -1.70
CA THR A 42 -8.79 -19.00 -2.11
C THR A 42 -8.62 -18.92 -3.63
N ARG A 43 -8.33 -17.71 -4.12
CA ARG A 43 -8.16 -17.49 -5.55
C ARG A 43 -7.03 -18.32 -6.16
N PRO A 44 -7.21 -18.73 -7.43
CA PRO A 44 -6.22 -19.52 -8.15
C PRO A 44 -4.91 -18.76 -8.25
N ASN A 45 -5.02 -17.46 -8.52
CA ASN A 45 -3.84 -16.59 -8.64
C ASN A 45 -3.50 -16.01 -7.29
N SER A 46 -2.82 -16.81 -6.49
CA SER A 46 -2.43 -16.37 -5.15
C SER A 46 -1.01 -15.86 -5.07
N SER A 47 -0.83 -14.76 -4.36
CA SER A 47 0.48 -14.18 -4.16
C SER A 47 0.86 -14.60 -2.73
N LYS A 48 -0.04 -15.33 -2.09
CA LYS A 48 0.17 -15.83 -0.73
C LYS A 48 0.38 -17.34 -0.76
N THR A 49 1.34 -17.77 -1.57
CA THR A 49 1.62 -19.18 -1.68
C THR A 49 2.31 -19.74 -0.44
N THR A 50 3.08 -18.91 0.25
CA THR A 50 3.78 -19.34 1.45
C THR A 50 2.86 -19.43 2.65
N LEU A 51 1.76 -18.69 2.62
CA LEU A 51 0.79 -18.71 3.71
C LEU A 51 -0.09 -19.94 3.54
N LEU A 52 -0.43 -20.27 2.29
CA LEU A 52 -1.27 -21.42 2.00
C LEU A 52 -0.57 -22.72 2.39
N ASP A 53 0.72 -22.83 2.06
CA ASP A 53 1.47 -24.04 2.40
C ASP A 53 1.47 -24.24 3.90
N GLU A 54 1.62 -23.14 4.65
CA GLU A 54 1.62 -23.24 6.11
C GLU A 54 0.27 -23.77 6.57
N PHE A 55 -0.81 -23.22 6.02
CA PHE A 55 -2.15 -23.67 6.37
C PHE A 55 -2.24 -25.17 6.13
N GLN A 56 -1.77 -25.58 4.95
CA GLN A 56 -1.80 -26.98 4.55
C GLN A 56 -1.01 -27.87 5.51
N SER A 57 0.18 -27.42 5.90
CA SER A 57 1.00 -28.21 6.83
C SER A 57 0.32 -28.32 8.19
N LEU A 58 -0.61 -27.41 8.46
CA LEU A 58 -1.33 -27.41 9.73
C LEU A 58 -2.62 -28.23 9.68
N GLY A 59 -2.96 -28.72 8.48
CA GLY A 59 -4.15 -29.54 8.35
C GLY A 59 -5.29 -28.98 7.51
N ALA A 60 -5.18 -27.72 7.10
CA ALA A 60 -6.24 -27.09 6.30
C ALA A 60 -6.40 -27.69 4.91
N ILE A 61 -7.65 -27.70 4.44
CA ILE A 61 -7.97 -28.19 3.11
C ILE A 61 -8.11 -26.96 2.22
N ILE A 62 -7.17 -26.81 1.29
CA ILE A 62 -7.17 -25.66 0.39
C ILE A 62 -8.06 -25.89 -0.82
N VAL A 63 -8.95 -24.94 -1.08
CA VAL A 63 -9.87 -25.01 -2.20
C VAL A 63 -9.70 -23.79 -3.09
N LYS A 64 -9.11 -23.99 -4.26
CA LYS A 64 -8.91 -22.87 -5.18
C LYS A 64 -10.10 -22.61 -6.08
N GLY A 65 -10.43 -21.34 -6.25
CA GLY A 65 -11.55 -20.98 -7.09
C GLY A 65 -11.89 -19.51 -6.97
N GLU A 66 -12.88 -19.09 -7.74
CA GLU A 66 -13.33 -17.70 -7.73
C GLU A 66 -14.72 -17.67 -7.10
N LEU A 67 -15.11 -16.53 -6.55
CA LEU A 67 -16.42 -16.40 -5.92
C LEU A 67 -17.52 -16.50 -6.98
N ASP A 68 -17.15 -16.30 -8.24
CA ASP A 68 -18.09 -16.36 -9.35
C ASP A 68 -18.47 -17.78 -9.73
N GLU A 69 -17.79 -18.76 -9.15
CA GLU A 69 -18.10 -20.15 -9.45
C GLU A 69 -19.22 -20.62 -8.53
N HIS A 70 -20.44 -20.18 -8.83
CA HIS A 70 -21.61 -20.52 -8.04
C HIS A 70 -21.77 -22.01 -7.77
N GLU A 71 -21.70 -22.83 -8.82
CA GLU A 71 -21.86 -24.27 -8.64
C GLU A 71 -20.81 -24.87 -7.71
N LYS A 72 -19.57 -24.43 -7.84
CA LYS A 72 -18.50 -24.93 -6.98
C LYS A 72 -18.80 -24.56 -5.52
N LEU A 73 -19.26 -23.32 -5.31
CA LEU A 73 -19.58 -22.85 -3.96
C LEU A 73 -20.69 -23.68 -3.33
N VAL A 74 -21.75 -23.96 -4.11
CA VAL A 74 -22.85 -24.75 -3.59
C VAL A 74 -22.42 -26.15 -3.18
N GLU A 75 -21.63 -26.81 -4.04
CA GLU A 75 -21.17 -28.15 -3.73
C GLU A 75 -20.24 -28.16 -2.53
N LEU A 76 -19.54 -27.05 -2.33
CA LEU A 76 -18.63 -26.92 -1.20
C LEU A 76 -19.43 -26.71 0.08
N MET A 77 -20.42 -25.83 0.02
CA MET A 77 -21.28 -25.54 1.18
C MET A 77 -21.89 -26.83 1.73
N LYS A 78 -22.32 -27.71 0.83
CA LYS A 78 -22.94 -28.97 1.22
C LYS A 78 -22.04 -29.88 2.04
N LYS A 79 -20.74 -29.64 2.00
CA LYS A 79 -19.79 -30.46 2.74
C LYS A 79 -19.42 -29.89 4.11
N VAL A 80 -19.78 -28.64 4.38
CA VAL A 80 -19.43 -28.01 5.66
C VAL A 80 -20.64 -27.62 6.51
N ASP A 81 -20.36 -27.12 7.71
CA ASP A 81 -21.40 -26.73 8.65
C ASP A 81 -21.41 -25.25 8.97
N VAL A 82 -20.22 -24.66 9.07
CA VAL A 82 -20.09 -23.25 9.42
C VAL A 82 -19.33 -22.48 8.35
N VAL A 83 -19.80 -21.27 8.06
CA VAL A 83 -19.13 -20.43 7.08
C VAL A 83 -18.75 -19.10 7.72
N ILE A 84 -17.48 -18.74 7.58
CA ILE A 84 -16.99 -17.47 8.12
C ILE A 84 -16.35 -16.68 6.98
N SER A 85 -16.81 -15.44 6.79
CA SER A 85 -16.27 -14.58 5.75
C SER A 85 -15.41 -13.46 6.33
N ALA A 86 -14.18 -13.36 5.84
CA ALA A 86 -13.25 -12.32 6.28
C ALA A 86 -12.79 -11.48 5.09
N LEU A 87 -13.68 -11.31 4.11
CA LEU A 87 -13.34 -10.52 2.93
C LEU A 87 -13.08 -9.05 3.26
N ALA A 88 -12.28 -8.40 2.42
CA ALA A 88 -11.92 -7.00 2.59
C ALA A 88 -13.03 -6.04 2.13
N PHE A 89 -12.89 -4.78 2.51
CA PHE A 89 -13.89 -3.76 2.16
C PHE A 89 -14.32 -3.73 0.69
N PRO A 90 -13.36 -3.87 -0.25
CA PRO A 90 -13.71 -3.86 -1.67
C PRO A 90 -14.63 -5.00 -2.11
N GLN A 91 -14.68 -6.07 -1.30
CA GLN A 91 -15.50 -7.23 -1.62
C GLN A 91 -16.74 -7.41 -0.73
N ILE A 92 -17.12 -6.39 0.03
CA ILE A 92 -18.27 -6.56 0.92
C ILE A 92 -19.53 -7.09 0.25
N LEU A 93 -19.96 -6.47 -0.85
CA LEU A 93 -21.16 -6.94 -1.51
C LEU A 93 -20.96 -8.24 -2.29
N ASP A 94 -19.71 -8.62 -2.53
CA ASP A 94 -19.43 -9.88 -3.20
C ASP A 94 -19.82 -11.04 -2.29
N GLN A 95 -20.07 -10.73 -1.01
CA GLN A 95 -20.47 -11.77 -0.07
C GLN A 95 -21.86 -12.29 -0.44
N PHE A 96 -22.56 -11.56 -1.31
CA PHE A 96 -23.87 -12.00 -1.73
C PHE A 96 -23.71 -13.26 -2.57
N LYS A 97 -22.52 -13.47 -3.11
CA LYS A 97 -22.25 -14.67 -3.90
C LYS A 97 -22.14 -15.84 -2.93
N ILE A 98 -21.52 -15.57 -1.77
CA ILE A 98 -21.38 -16.59 -0.74
C ILE A 98 -22.75 -16.90 -0.17
N LEU A 99 -23.53 -15.85 0.08
CA LEU A 99 -24.86 -16.01 0.65
C LEU A 99 -25.79 -16.78 -0.28
N GLU A 100 -25.68 -16.53 -1.58
CA GLU A 100 -26.53 -17.25 -2.54
C GLU A 100 -26.25 -18.75 -2.47
N ALA A 101 -24.98 -19.12 -2.36
CA ALA A 101 -24.61 -20.53 -2.29
C ALA A 101 -25.12 -21.14 -0.99
N ILE A 102 -25.01 -20.40 0.11
CA ILE A 102 -25.50 -20.87 1.40
C ILE A 102 -27.01 -21.14 1.29
N LYS A 103 -27.73 -20.20 0.69
CA LYS A 103 -29.17 -20.34 0.51
C LYS A 103 -29.54 -21.59 -0.28
N VAL A 104 -28.83 -21.83 -1.37
CA VAL A 104 -29.11 -23.00 -2.21
C VAL A 104 -28.73 -24.30 -1.49
N ALA A 105 -27.56 -24.34 -0.87
CA ALA A 105 -27.10 -25.54 -0.15
C ALA A 105 -28.10 -25.93 0.95
N GLY A 106 -28.48 -24.94 1.76
CA GLY A 106 -29.44 -25.16 2.82
C GLY A 106 -29.02 -25.85 4.10
N ASN A 107 -27.80 -26.39 4.14
CA ASN A 107 -27.33 -27.11 5.33
C ASN A 107 -26.45 -26.33 6.31
N ILE A 108 -26.14 -25.08 6.00
CA ILE A 108 -25.27 -24.29 6.88
C ILE A 108 -25.91 -23.99 8.23
N LYS A 109 -25.17 -24.29 9.29
CA LYS A 109 -25.64 -24.10 10.66
C LYS A 109 -25.32 -22.73 11.26
N ARG A 110 -24.36 -22.02 10.67
CA ARG A 110 -24.00 -20.70 11.16
C ARG A 110 -23.17 -19.95 10.13
N PHE A 111 -23.53 -18.70 9.88
CA PHE A 111 -22.79 -17.85 8.94
C PHE A 111 -22.34 -16.60 9.68
N LEU A 112 -21.05 -16.28 9.58
CA LEU A 112 -20.52 -15.06 10.19
C LEU A 112 -20.02 -14.20 9.04
N PRO A 113 -20.72 -13.10 8.74
CA PRO A 113 -20.29 -12.21 7.65
C PRO A 113 -19.05 -11.44 8.06
N SER A 114 -18.42 -10.78 7.09
CA SER A 114 -17.20 -10.05 7.37
C SER A 114 -17.42 -8.71 8.06
N ASP A 115 -17.61 -8.75 9.37
CA ASP A 115 -17.79 -7.55 10.17
C ASP A 115 -16.44 -7.34 10.86
N PHE A 116 -16.28 -7.96 12.03
CA PHE A 116 -15.03 -7.90 12.81
C PHE A 116 -14.44 -6.52 13.04
N GLY A 117 -15.29 -5.55 13.32
CA GLY A 117 -14.83 -4.19 13.57
C GLY A 117 -15.81 -3.48 14.47
N VAL A 118 -16.33 -2.33 14.01
CA VAL A 118 -17.31 -1.58 14.79
C VAL A 118 -18.66 -2.28 14.70
N GLU A 119 -19.58 -1.92 15.59
CA GLU A 119 -20.91 -2.53 15.56
C GLU A 119 -21.74 -1.56 14.71
N GLU A 120 -21.71 -1.79 13.39
CA GLU A 120 -22.38 -0.92 12.43
C GLU A 120 -23.87 -0.67 12.63
N ASP A 121 -24.58 -1.56 13.32
CA ASP A 121 -26.01 -1.35 13.53
C ASP A 121 -26.31 -0.38 14.68
N ARG A 122 -25.29 0.13 15.36
CA ARG A 122 -25.53 1.06 16.46
C ARG A 122 -24.64 2.31 16.40
N ILE A 123 -23.80 2.40 15.37
CA ILE A 123 -22.93 3.57 15.24
C ILE A 123 -22.97 4.10 13.81
N ASN A 124 -22.68 5.37 13.65
CA ASN A 124 -22.63 6.01 12.33
C ASN A 124 -21.26 6.63 12.19
N ALA A 125 -20.79 6.77 10.95
CA ALA A 125 -19.48 7.36 10.72
C ALA A 125 -19.55 8.41 9.62
N LEU A 126 -18.41 9.02 9.32
CA LEU A 126 -18.36 10.03 8.27
C LEU A 126 -18.58 9.30 6.94
N PRO A 127 -19.24 9.97 5.99
CA PRO A 127 -19.55 9.43 4.67
C PRO A 127 -18.57 8.42 4.05
N PRO A 128 -17.26 8.73 4.07
CA PRO A 128 -16.29 7.78 3.49
C PRO A 128 -16.43 6.37 4.08
N PHE A 129 -16.46 6.29 5.40
CA PHE A 129 -16.56 5.01 6.09
C PHE A 129 -18.00 4.51 6.22
N GLU A 130 -18.94 5.44 6.33
CA GLU A 130 -20.35 5.10 6.46
C GLU A 130 -20.84 4.28 5.25
N ALA A 131 -20.39 4.65 4.05
CA ALA A 131 -20.80 3.94 2.85
C ALA A 131 -20.41 2.47 2.93
N LEU A 132 -19.23 2.21 3.49
CA LEU A 132 -18.73 0.85 3.63
C LEU A 132 -19.50 0.06 4.68
N ILE A 133 -19.71 0.64 5.85
CA ILE A 133 -20.44 -0.09 6.89
C ILE A 133 -21.91 -0.26 6.52
N GLU A 134 -22.41 0.58 5.62
CA GLU A 134 -23.79 0.43 5.18
C GLU A 134 -23.85 -0.83 4.32
N ARG A 135 -22.78 -1.11 3.58
CA ARG A 135 -22.74 -2.31 2.75
C ARG A 135 -22.74 -3.53 3.66
N LYS A 136 -22.07 -3.42 4.81
CA LYS A 136 -22.04 -4.53 5.75
C LYS A 136 -23.45 -4.75 6.34
N ARG A 137 -24.19 -3.66 6.53
CA ARG A 137 -25.55 -3.76 7.06
C ARG A 137 -26.45 -4.46 6.04
N MET A 138 -26.24 -4.18 4.76
CA MET A 138 -27.03 -4.79 3.71
C MET A 138 -26.93 -6.29 3.79
N ILE A 139 -25.72 -6.78 4.04
CA ILE A 139 -25.48 -8.22 4.15
C ILE A 139 -26.25 -8.78 5.34
N ARG A 140 -26.19 -8.08 6.47
CA ARG A 140 -26.89 -8.51 7.66
C ARG A 140 -28.40 -8.57 7.41
N ARG A 141 -28.93 -7.54 6.76
CA ARG A 141 -30.36 -7.50 6.47
C ARG A 141 -30.78 -8.68 5.59
N ALA A 142 -29.92 -9.05 4.64
CA ALA A 142 -30.20 -10.16 3.73
C ALA A 142 -30.20 -11.49 4.48
N ILE A 143 -29.27 -11.63 5.42
CA ILE A 143 -29.15 -12.83 6.24
C ILE A 143 -30.42 -13.03 7.08
N GLU A 144 -30.85 -11.95 7.73
CA GLU A 144 -32.03 -11.99 8.59
C GLU A 144 -33.31 -12.26 7.82
N GLU A 145 -33.43 -11.66 6.64
CA GLU A 145 -34.61 -11.85 5.81
C GLU A 145 -34.75 -13.30 5.36
N ALA A 146 -33.60 -13.98 5.18
CA ALA A 146 -33.61 -15.37 4.74
C ALA A 146 -33.60 -16.36 5.91
N ASN A 147 -33.60 -15.83 7.14
CA ASN A 147 -33.58 -16.67 8.33
C ASN A 147 -32.36 -17.58 8.40
N ILE A 148 -31.23 -17.12 7.89
CA ILE A 148 -29.99 -17.88 7.92
C ILE A 148 -29.40 -17.74 9.33
N PRO A 149 -29.04 -18.85 9.98
CA PRO A 149 -28.46 -18.74 11.32
C PRO A 149 -27.17 -17.94 11.23
N TYR A 150 -26.98 -17.00 12.16
CA TYR A 150 -25.81 -16.14 12.12
C TYR A 150 -25.23 -15.72 13.45
N THR A 151 -24.10 -15.04 13.37
CA THR A 151 -23.43 -14.46 14.51
C THR A 151 -22.74 -13.23 13.93
N TYR A 152 -22.97 -12.08 14.53
CA TYR A 152 -22.36 -10.84 14.06
C TYR A 152 -21.27 -10.50 15.06
N VAL A 153 -20.02 -10.51 14.61
CA VAL A 153 -18.91 -10.22 15.51
C VAL A 153 -18.37 -8.80 15.41
N SER A 154 -18.34 -8.11 16.54
CA SER A 154 -17.79 -6.76 16.60
C SER A 154 -16.50 -6.98 17.40
N ALA A 155 -15.37 -7.08 16.71
CA ALA A 155 -14.09 -7.33 17.35
C ALA A 155 -13.36 -6.08 17.80
N ASN A 156 -13.92 -4.93 17.46
CA ASN A 156 -13.32 -3.64 17.81
C ASN A 156 -11.96 -3.45 17.13
N CYS A 157 -11.03 -2.74 17.76
CA CYS A 157 -9.74 -2.46 17.11
C CYS A 157 -8.71 -3.58 17.09
N PHE A 158 -8.13 -3.84 15.92
CA PHE A 158 -7.09 -4.86 15.78
C PHE A 158 -5.87 -4.25 16.48
N ALA A 159 -5.48 -4.84 17.60
CA ALA A 159 -4.38 -4.35 18.43
C ALA A 159 -2.99 -4.21 17.80
N SER A 160 -2.46 -5.28 17.21
CA SER A 160 -1.13 -5.17 16.62
C SER A 160 -1.15 -4.13 15.52
N TYR A 161 -2.22 -4.13 14.73
CA TYR A 161 -2.37 -3.18 13.65
C TYR A 161 -2.31 -1.75 14.14
N PHE A 162 -3.13 -1.42 15.13
CA PHE A 162 -3.15 -0.05 15.63
C PHE A 162 -2.05 0.33 16.59
N ILE A 163 -1.45 -0.64 17.27
CA ILE A 163 -0.33 -0.29 18.14
C ILE A 163 0.77 0.14 17.15
N ASN A 164 0.88 -0.59 16.04
CA ASN A 164 1.87 -0.25 15.02
C ASN A 164 1.56 1.11 14.40
N TYR A 165 0.30 1.31 14.06
CA TYR A 165 -0.13 2.56 13.43
C TYR A 165 -0.01 3.79 14.33
N LEU A 166 -0.40 3.65 15.60
CA LEU A 166 -0.38 4.77 16.53
C LEU A 166 0.98 5.04 17.20
N LEU A 167 1.69 3.97 17.59
CA LEU A 167 2.97 4.15 18.27
C LEU A 167 4.19 4.05 17.34
N ARG A 168 4.00 3.49 16.15
CA ARG A 168 5.09 3.34 15.18
C ARG A 168 6.35 2.91 15.95
N PRO A 169 6.25 1.80 16.71
CA PRO A 169 7.37 1.29 17.50
C PRO A 169 8.67 1.08 16.73
N TYR A 170 8.55 0.83 15.43
CA TYR A 170 9.70 0.61 14.58
C TYR A 170 10.33 1.93 14.13
N ASP A 171 9.77 3.05 14.57
CA ASP A 171 10.25 4.38 14.19
C ASP A 171 10.94 5.10 15.35
N PRO A 172 12.23 5.38 15.22
CA PRO A 172 13.00 6.06 16.27
C PRO A 172 12.67 7.54 16.45
N LYS A 173 11.57 8.01 15.85
CA LYS A 173 11.18 9.42 15.96
C LYS A 173 10.94 9.90 17.39
N ASP A 174 11.07 11.21 17.59
CA ASP A 174 10.89 11.81 18.91
C ASP A 174 9.49 12.38 19.11
N GLU A 175 8.67 12.34 18.06
CA GLU A 175 7.30 12.84 18.14
C GLU A 175 6.31 11.73 17.85
N ILE A 176 5.09 11.92 18.33
CA ILE A 176 4.01 10.96 18.10
C ILE A 176 2.76 11.72 17.75
N THR A 177 2.09 11.30 16.68
CA THR A 177 0.87 11.93 16.23
C THR A 177 -0.35 11.48 17.03
N VAL A 178 -1.14 12.45 17.47
CA VAL A 178 -2.36 12.17 18.22
C VAL A 178 -3.51 12.70 17.38
N TYR A 179 -4.53 11.88 17.20
CA TYR A 179 -5.70 12.26 16.41
C TYR A 179 -6.76 12.84 17.32
N GLY A 180 -7.11 14.10 17.08
CA GLY A 180 -8.10 14.75 17.92
C GLY A 180 -7.42 15.03 19.24
N THR A 181 -8.21 15.17 20.31
CA THR A 181 -7.67 15.45 21.63
C THR A 181 -6.92 14.22 22.17
N GLY A 182 -7.29 13.05 21.67
CA GLY A 182 -6.67 11.82 22.13
C GLY A 182 -7.34 11.27 23.37
N GLU A 183 -8.43 11.90 23.79
CA GLU A 183 -9.16 11.49 24.98
C GLU A 183 -10.24 10.43 24.75
N ALA A 184 -10.56 10.15 23.49
CA ALA A 184 -11.58 9.16 23.19
C ALA A 184 -11.14 7.74 23.54
N LYS A 185 -12.01 7.00 24.20
CA LYS A 185 -11.68 5.63 24.57
C LYS A 185 -11.97 4.67 23.43
N PHE A 186 -11.21 3.60 23.37
CA PHE A 186 -11.39 2.57 22.36
C PHE A 186 -10.92 1.24 22.94
N ALA A 187 -11.42 0.15 22.36
CA ALA A 187 -11.04 -1.18 22.82
C ALA A 187 -10.25 -1.83 21.71
N MET A 188 -9.14 -2.46 22.05
CA MET A 188 -8.33 -3.13 21.03
C MET A 188 -7.96 -4.53 21.49
N ASN A 189 -8.12 -5.48 20.59
CA ASN A 189 -7.84 -6.88 20.87
C ASN A 189 -6.80 -7.48 19.94
N TYR A 190 -6.01 -8.40 20.50
CA TYR A 190 -4.95 -9.09 19.78
C TYR A 190 -5.54 -9.96 18.66
N GLU A 191 -5.02 -9.79 17.44
CA GLU A 191 -5.52 -10.52 16.29
C GLU A 191 -5.62 -12.03 16.51
N GLN A 192 -4.62 -12.62 17.14
CA GLN A 192 -4.64 -14.06 17.38
C GLN A 192 -5.86 -14.44 18.25
N ASP A 193 -6.18 -13.61 19.23
CA ASP A 193 -7.32 -13.86 20.11
C ASP A 193 -8.63 -13.66 19.36
N ILE A 194 -8.67 -12.65 18.50
CA ILE A 194 -9.87 -12.38 17.71
C ILE A 194 -10.17 -13.63 16.89
N GLY A 195 -9.12 -14.24 16.34
CA GLY A 195 -9.32 -15.44 15.55
C GLY A 195 -9.83 -16.60 16.37
N LEU A 196 -9.22 -16.82 17.52
CA LEU A 196 -9.61 -17.93 18.39
C LEU A 196 -11.04 -17.81 18.90
N TYR A 197 -11.37 -16.66 19.48
CA TYR A 197 -12.71 -16.42 20.01
C TYR A 197 -13.77 -16.51 18.92
N THR A 198 -13.44 -16.06 17.72
CA THR A 198 -14.39 -16.09 16.62
C THR A 198 -14.79 -17.53 16.29
N ILE A 199 -13.82 -18.44 16.32
CA ILE A 199 -14.12 -19.83 16.01
C ILE A 199 -14.97 -20.41 17.13
N LYS A 200 -14.64 -20.06 18.36
CA LYS A 200 -15.36 -20.53 19.54
C LYS A 200 -16.83 -20.11 19.53
N VAL A 201 -17.09 -18.83 19.28
CA VAL A 201 -18.47 -18.37 19.28
C VAL A 201 -19.27 -18.87 18.07
N ALA A 202 -18.57 -19.20 16.99
CA ALA A 202 -19.26 -19.68 15.78
C ALA A 202 -19.95 -21.03 16.00
N THR A 203 -19.54 -21.73 17.04
CA THR A 203 -20.13 -23.04 17.36
C THR A 203 -20.76 -23.03 18.75
N ASP A 204 -20.80 -21.85 19.37
CA ASP A 204 -21.37 -21.69 20.70
C ASP A 204 -22.85 -21.32 20.59
N PRO A 205 -23.75 -22.12 21.16
CA PRO A 205 -25.19 -21.84 21.11
C PRO A 205 -25.56 -20.49 21.73
N ARG A 206 -24.77 -20.05 22.69
CA ARG A 206 -25.02 -18.78 23.35
C ARG A 206 -24.86 -17.61 22.39
N ALA A 207 -24.22 -17.86 21.25
CA ALA A 207 -24.00 -16.81 20.25
C ALA A 207 -24.88 -16.95 19.01
N LEU A 208 -25.74 -17.97 19.00
CA LEU A 208 -26.62 -18.19 17.85
C LEU A 208 -27.57 -17.00 17.62
N ASN A 209 -27.51 -16.44 16.42
CA ASN A 209 -28.34 -15.30 16.03
C ASN A 209 -28.21 -14.12 16.97
N ARG A 210 -26.99 -13.84 17.38
CA ARG A 210 -26.74 -12.73 18.28
C ARG A 210 -25.53 -11.92 17.87
N VAL A 211 -25.43 -10.72 18.44
CA VAL A 211 -24.30 -9.85 18.20
C VAL A 211 -23.32 -10.17 19.34
N VAL A 212 -22.09 -10.50 18.98
CA VAL A 212 -21.05 -10.80 19.97
C VAL A 212 -20.02 -9.69 19.86
N ILE A 213 -19.71 -9.07 21.00
CA ILE A 213 -18.75 -7.98 21.05
C ILE A 213 -17.51 -8.37 21.87
N TYR A 214 -16.32 -8.05 21.37
CA TYR A 214 -15.10 -8.36 22.10
C TYR A 214 -14.66 -7.10 22.82
N ARG A 215 -14.98 -6.99 24.10
CA ARG A 215 -14.59 -5.81 24.85
C ARG A 215 -14.08 -6.17 26.24
N PRO A 216 -12.92 -6.84 26.31
CA PRO A 216 -12.40 -7.20 27.63
C PRO A 216 -12.05 -5.92 28.39
N SER A 217 -12.34 -5.91 29.69
CA SER A 217 -12.09 -4.74 30.53
C SER A 217 -10.63 -4.32 30.62
N THR A 218 -9.73 -5.23 30.30
CA THR A 218 -8.29 -4.96 30.35
C THR A 218 -7.75 -4.40 29.04
N ASN A 219 -8.62 -4.19 28.07
CA ASN A 219 -8.20 -3.69 26.77
C ASN A 219 -8.91 -2.41 26.32
N ILE A 220 -9.30 -1.57 27.29
CA ILE A 220 -9.96 -0.30 27.02
C ILE A 220 -8.96 0.78 27.37
N ILE A 221 -8.75 1.72 26.46
CA ILE A 221 -7.77 2.78 26.70
C ILE A 221 -7.95 3.96 25.74
N THR A 222 -7.19 5.02 25.98
CA THR A 222 -7.25 6.21 25.12
C THR A 222 -5.88 6.33 24.46
N GLN A 223 -5.77 7.16 23.42
CA GLN A 223 -4.48 7.34 22.74
C GLN A 223 -3.42 7.87 23.71
N LEU A 224 -3.81 8.82 24.55
CA LEU A 224 -2.88 9.41 25.51
C LEU A 224 -2.38 8.40 26.55
N GLU A 225 -3.28 7.56 27.06
CA GLU A 225 -2.89 6.56 28.05
C GLU A 225 -1.99 5.50 27.40
N LEU A 226 -2.30 5.14 26.15
CA LEU A 226 -1.48 4.15 25.44
C LEU A 226 -0.07 4.70 25.28
N ILE A 227 0.03 5.98 24.92
CA ILE A 227 1.34 6.61 24.76
C ILE A 227 2.10 6.61 26.08
N SER A 228 1.44 7.04 27.16
CA SER A 228 2.07 7.08 28.48
C SER A 228 2.59 5.72 28.90
N ARG A 229 1.79 4.68 28.71
CA ARG A 229 2.22 3.34 29.08
C ARG A 229 3.38 2.85 28.22
N TRP A 230 3.39 3.21 26.93
CA TRP A 230 4.48 2.80 26.05
C TRP A 230 5.77 3.50 26.48
N GLU A 231 5.66 4.79 26.79
CA GLU A 231 6.82 5.57 27.22
C GLU A 231 7.49 4.91 28.43
N LYS A 232 6.67 4.44 29.37
CA LYS A 232 7.23 3.79 30.56
C LYS A 232 7.87 2.45 30.23
N LYS A 233 7.29 1.74 29.26
CA LYS A 233 7.83 0.44 28.86
C LYS A 233 9.20 0.53 28.21
N ILE A 234 9.40 1.55 27.38
CA ILE A 234 10.67 1.67 26.67
C ILE A 234 11.61 2.76 27.21
N GLY A 235 11.14 3.51 28.20
CA GLY A 235 11.96 4.55 28.81
C GLY A 235 12.27 5.77 27.96
N LYS A 236 11.30 6.19 27.14
CA LYS A 236 11.49 7.34 26.28
C LYS A 236 10.24 8.23 26.32
N LYS A 237 10.43 9.52 26.11
CA LYS A 237 9.30 10.46 26.11
C LYS A 237 9.17 11.01 24.70
N PHE A 238 7.92 11.18 24.25
CA PHE A 238 7.66 11.68 22.91
C PHE A 238 6.97 13.04 22.96
N LYS A 239 7.16 13.83 21.91
CA LYS A 239 6.50 15.12 21.82
C LYS A 239 5.18 14.81 21.10
N LYS A 240 4.07 15.12 21.74
CA LYS A 240 2.75 14.83 21.15
C LYS A 240 2.29 15.90 20.16
N ILE A 241 2.01 15.49 18.93
CA ILE A 241 1.54 16.42 17.91
C ILE A 241 0.12 16.05 17.51
N HIS A 242 -0.83 16.91 17.87
CA HIS A 242 -2.24 16.65 17.60
C HIS A 242 -2.70 17.06 16.20
N VAL A 243 -3.71 16.34 15.71
CA VAL A 243 -4.31 16.61 14.41
C VAL A 243 -5.79 16.89 14.71
N PRO A 244 -6.18 18.18 14.73
CA PRO A 244 -7.54 18.63 15.02
C PRO A 244 -8.62 17.84 14.31
N GLU A 245 -9.76 17.67 14.99
CA GLU A 245 -10.88 16.94 14.43
C GLU A 245 -11.39 17.62 13.17
N GLU A 246 -11.63 18.93 13.26
CA GLU A 246 -12.11 19.70 12.14
C GLU A 246 -11.19 19.49 10.95
N GLU A 247 -9.92 19.26 11.25
CA GLU A 247 -8.93 19.02 10.21
C GLU A 247 -9.16 17.65 9.56
N ILE A 248 -9.34 16.64 10.40
CA ILE A 248 -9.59 15.29 9.89
C ILE A 248 -10.87 15.26 9.07
N VAL A 249 -11.91 15.92 9.59
CA VAL A 249 -13.21 15.98 8.93
C VAL A 249 -13.11 16.60 7.54
N ALA A 250 -12.37 17.70 7.44
CA ALA A 250 -12.17 18.39 6.17
C ALA A 250 -11.53 17.47 5.13
N LEU A 251 -10.47 16.77 5.55
CA LEU A 251 -9.75 15.85 4.69
C LEU A 251 -10.65 14.77 4.10
N THR A 252 -11.62 14.30 4.88
CA THR A 252 -12.53 13.26 4.40
C THR A 252 -13.43 13.80 3.29
N LYS A 253 -13.51 15.12 3.18
CA LYS A 253 -14.34 15.78 2.18
C LYS A 253 -13.54 16.16 0.93
N GLU A 254 -12.25 16.46 1.11
CA GLU A 254 -11.42 16.86 -0.02
C GLU A 254 -10.57 15.75 -0.64
N LEU A 255 -9.96 14.92 0.19
CA LEU A 255 -9.13 13.83 -0.31
C LEU A 255 -9.95 12.83 -1.13
N PRO A 256 -9.32 12.20 -2.12
CA PRO A 256 -9.98 11.21 -2.98
C PRO A 256 -10.15 9.88 -2.27
N GLU A 257 -10.77 8.92 -2.97
CA GLU A 257 -10.98 7.59 -2.44
C GLU A 257 -9.94 6.70 -3.12
N PRO A 258 -9.42 5.69 -2.41
CA PRO A 258 -9.68 5.30 -1.02
C PRO A 258 -8.88 6.05 0.04
N GLU A 259 -8.17 7.09 -0.36
CA GLU A 259 -7.36 7.87 0.57
C GLU A 259 -8.10 8.35 1.81
N ASN A 260 -9.29 8.93 1.61
CA ASN A 260 -10.08 9.46 2.72
C ASN A 260 -10.76 8.45 3.62
N ILE A 261 -10.68 7.17 3.27
CA ILE A 261 -11.32 6.15 4.08
C ILE A 261 -10.59 5.90 5.41
N PRO A 262 -9.26 5.75 5.38
CA PRO A 262 -8.50 5.51 6.61
C PRO A 262 -8.68 6.69 7.56
N ILE A 263 -8.76 7.89 6.99
CA ILE A 263 -8.95 9.12 7.77
C ILE A 263 -10.33 9.07 8.45
N ALA A 264 -11.34 8.62 7.72
CA ALA A 264 -12.69 8.53 8.28
C ALA A 264 -12.70 7.49 9.40
N ILE A 265 -11.97 6.40 9.20
CA ILE A 265 -11.91 5.34 10.20
C ILE A 265 -11.21 5.87 11.46
N LEU A 266 -10.12 6.59 11.27
CA LEU A 266 -9.38 7.14 12.41
C LEU A 266 -10.30 8.03 13.24
N HIS A 267 -11.15 8.80 12.56
CA HIS A 267 -12.07 9.68 13.26
C HIS A 267 -13.09 8.86 14.04
N CYS A 268 -13.63 7.84 13.38
CA CYS A 268 -14.62 6.99 14.00
C CYS A 268 -14.09 6.33 15.27
N LEU A 269 -12.94 5.67 15.15
CA LEU A 269 -12.33 4.97 16.27
C LEU A 269 -11.67 5.81 17.35
N PHE A 270 -10.87 6.79 16.93
CA PHE A 270 -10.12 7.59 17.90
C PHE A 270 -10.57 8.99 18.26
N ILE A 271 -11.62 9.48 17.61
CA ILE A 271 -12.14 10.81 17.93
C ILE A 271 -13.57 10.63 18.44
N ASP A 272 -14.40 9.95 17.65
CA ASP A 272 -15.78 9.70 18.04
C ASP A 272 -15.81 8.61 19.12
N GLY A 273 -14.77 7.77 19.16
CA GLY A 273 -14.71 6.71 20.15
C GLY A 273 -15.84 5.70 19.99
N ALA A 274 -16.13 5.37 18.73
CA ALA A 274 -17.21 4.46 18.38
C ALA A 274 -17.19 3.06 19.01
N THR A 275 -16.03 2.53 19.39
CA THR A 275 -16.01 1.20 19.98
C THR A 275 -16.41 1.20 21.45
N MET A 276 -16.49 2.39 22.06
CA MET A 276 -16.84 2.51 23.48
C MET A 276 -17.95 3.54 23.73
N SER A 277 -18.60 4.00 22.67
CA SER A 277 -19.64 5.00 22.79
C SER A 277 -21.02 4.46 23.16
N TYR A 278 -21.12 3.17 23.46
CA TYR A 278 -22.41 2.59 23.78
C TYR A 278 -22.37 1.61 24.94
N ASP A 279 -23.54 1.33 25.51
CA ASP A 279 -23.64 0.36 26.59
C ASP A 279 -24.23 -0.89 25.96
N PHE A 280 -23.97 -2.05 26.57
CA PHE A 280 -24.47 -3.30 26.03
C PHE A 280 -25.99 -3.41 26.06
N LYS A 281 -26.54 -4.09 25.07
CA LYS A 281 -27.98 -4.29 24.97
C LYS A 281 -28.31 -5.61 25.68
N GLU A 282 -29.60 -5.84 25.91
CA GLU A 282 -30.06 -7.05 26.56
C GLU A 282 -29.55 -8.33 25.92
N ASN A 283 -29.64 -8.40 24.60
CA ASN A 283 -29.22 -9.58 23.87
C ASN A 283 -27.76 -9.60 23.44
N ASP A 284 -27.01 -8.55 23.76
CA ASP A 284 -25.59 -8.52 23.39
C ASP A 284 -24.82 -9.57 24.19
N VAL A 285 -23.81 -10.15 23.57
CA VAL A 285 -22.96 -11.13 24.22
C VAL A 285 -21.54 -10.56 24.19
N GLU A 286 -20.94 -10.35 25.36
CA GLU A 286 -19.56 -9.85 25.41
C GLU A 286 -18.73 -11.10 25.58
N ALA A 287 -17.93 -11.40 24.54
CA ALA A 287 -17.12 -12.61 24.48
C ALA A 287 -16.16 -12.98 25.60
N SER A 288 -15.52 -12.00 26.25
CA SER A 288 -14.57 -12.35 27.31
C SER A 288 -15.22 -13.06 28.50
N THR A 289 -16.54 -12.97 28.60
CA THR A 289 -17.28 -13.59 29.69
C THR A 289 -17.67 -15.03 29.41
N LEU A 290 -17.49 -15.46 28.16
CA LEU A 290 -17.91 -16.79 27.73
C LEU A 290 -17.10 -18.01 28.12
N TYR A 291 -15.78 -17.89 28.15
CA TYR A 291 -14.92 -19.03 28.43
C TYR A 291 -13.93 -18.84 29.58
N PRO A 292 -14.12 -19.60 30.69
CA PRO A 292 -13.21 -19.47 31.83
C PRO A 292 -11.82 -20.06 31.59
N GLU A 293 -11.65 -20.79 30.49
CA GLU A 293 -10.36 -21.41 30.20
C GLU A 293 -9.52 -20.53 29.28
N LEU A 294 -10.11 -19.43 28.83
CA LEU A 294 -9.44 -18.51 27.92
C LEU A 294 -9.56 -17.07 28.41
N LYS A 295 -8.67 -16.21 27.92
CA LYS A 295 -8.72 -14.80 28.27
C LYS A 295 -8.05 -14.02 27.13
N PHE A 296 -8.51 -12.80 26.90
CA PHE A 296 -7.93 -11.96 25.86
C PHE A 296 -6.58 -11.42 26.35
N THR A 297 -5.58 -11.43 25.47
CA THR A 297 -4.26 -10.90 25.80
C THR A 297 -4.50 -9.43 26.17
N THR A 298 -4.01 -9.02 27.34
CA THR A 298 -4.23 -7.64 27.80
C THR A 298 -3.33 -6.62 27.13
N ILE A 299 -3.64 -5.34 27.36
CA ILE A 299 -2.85 -4.26 26.78
C ILE A 299 -1.41 -4.31 27.29
N ASP A 300 -1.21 -4.60 28.58
CA ASP A 300 0.15 -4.68 29.10
C ASP A 300 0.93 -5.80 28.43
N GLU A 301 0.27 -6.95 28.26
CA GLU A 301 0.90 -8.09 27.62
C GLU A 301 1.23 -7.76 26.17
N LEU A 302 0.35 -7.01 25.53
CA LEU A 302 0.55 -6.61 24.13
C LEU A 302 1.76 -5.69 24.01
N LEU A 303 1.92 -4.77 24.96
CA LEU A 303 3.05 -3.87 24.93
C LEU A 303 4.34 -4.65 25.18
N ASP A 304 4.25 -5.70 25.98
CA ASP A 304 5.43 -6.52 26.25
C ASP A 304 5.86 -7.24 24.98
N ILE A 305 4.87 -7.71 24.22
CA ILE A 305 5.16 -8.41 22.97
C ILE A 305 5.89 -7.47 22.02
N PHE A 306 5.44 -6.23 21.94
CA PHE A 306 6.07 -5.25 21.05
C PHE A 306 7.48 -4.88 21.53
N VAL A 307 7.73 -5.02 22.82
CA VAL A 307 9.06 -4.72 23.35
C VAL A 307 10.01 -5.86 23.02
N HIS A 308 9.53 -7.10 23.20
CA HIS A 308 10.34 -8.29 22.98
C HIS A 308 10.39 -8.87 21.57
N ASP A 309 9.23 -8.97 20.92
CA ASP A 309 9.15 -9.53 19.57
C ASP A 309 7.96 -8.93 18.84
N PRO A 310 8.06 -7.64 18.49
CA PRO A 310 7.01 -6.90 17.79
C PRO A 310 6.67 -7.43 16.40
N PRO A 311 5.38 -7.48 16.06
CA PRO A 311 4.92 -7.95 14.76
C PRO A 311 5.00 -6.81 13.74
N PRO A 312 5.12 -7.14 12.44
CA PRO A 312 5.21 -6.16 11.35
C PRO A 312 3.92 -5.34 11.18
N PRO A 313 4.06 -4.08 10.75
CA PRO A 313 2.89 -3.22 10.56
C PRO A 313 2.11 -3.66 9.31
N ALA A 314 0.83 -3.31 9.25
CA ALA A 314 0.01 -3.69 8.10
C ALA A 314 -0.88 -2.55 7.65
N SER A 315 -1.50 -2.71 6.48
CA SER A 315 -2.38 -1.69 5.93
C SER A 315 -3.57 -2.33 5.19
N ALA A 316 -4.76 -2.17 5.74
CA ALA A 316 -5.98 -2.72 5.17
C ALA A 316 -6.26 -2.20 3.76
N ALA A 317 -6.90 -3.03 2.94
CA ALA A 317 -7.21 -2.66 1.55
C ALA A 317 -8.52 -1.87 1.45
N PHE A 318 -8.51 -0.84 0.62
CA PHE A 318 -9.68 -0.01 0.41
C PHE A 318 -9.87 0.25 -1.08
N GLY B 9 27.24 -7.73 -29.53
CA GLY B 9 28.55 -7.41 -30.18
C GLY B 9 29.30 -6.33 -29.44
N MET B 10 29.18 -5.10 -29.91
CA MET B 10 29.86 -3.95 -29.29
C MET B 10 28.98 -3.30 -28.23
N LYS B 11 27.73 -3.74 -28.13
CA LYS B 11 26.78 -3.20 -27.17
C LYS B 11 27.28 -3.26 -25.73
N SER B 12 27.22 -2.13 -25.04
CA SER B 12 27.66 -2.08 -23.64
C SER B 12 26.80 -3.04 -22.82
N LYS B 13 27.41 -3.69 -21.83
CA LYS B 13 26.67 -4.60 -20.97
C LYS B 13 26.11 -3.76 -19.83
N ILE B 14 24.81 -3.89 -19.59
CA ILE B 14 24.14 -3.10 -18.58
C ILE B 14 23.68 -3.89 -17.36
N LEU B 15 24.01 -3.37 -16.17
CA LEU B 15 23.62 -3.98 -14.91
C LEU B 15 22.60 -3.07 -14.26
N ILE B 16 21.43 -3.62 -13.93
CA ILE B 16 20.36 -2.82 -13.32
C ILE B 16 20.00 -3.29 -11.93
N PHE B 17 19.85 -2.33 -11.02
CA PHE B 17 19.45 -2.59 -9.64
C PHE B 17 18.04 -2.04 -9.52
N GLY B 18 17.15 -2.73 -8.80
CA GLY B 18 15.78 -2.26 -8.65
C GLY B 18 15.00 -2.54 -9.93
N GLY B 19 15.48 -3.52 -10.70
CA GLY B 19 14.84 -3.88 -11.95
C GLY B 19 13.40 -4.35 -11.83
N THR B 20 13.01 -4.88 -10.68
CA THR B 20 11.63 -5.35 -10.51
C THR B 20 10.75 -4.24 -9.96
N GLY B 21 11.34 -3.05 -9.80
CA GLY B 21 10.60 -1.91 -9.29
C GLY B 21 9.68 -1.29 -10.32
N TYR B 22 8.90 -0.30 -9.89
CA TYR B 22 7.94 0.36 -10.77
C TYR B 22 8.57 0.93 -12.05
N ILE B 23 9.59 1.76 -11.91
CA ILE B 23 10.23 2.33 -13.09
C ILE B 23 11.36 1.43 -13.59
N GLY B 24 11.95 0.68 -12.68
CA GLY B 24 13.04 -0.20 -13.03
C GLY B 24 12.71 -1.26 -14.08
N ASN B 25 11.51 -1.81 -14.06
CA ASN B 25 11.18 -2.83 -15.04
C ASN B 25 11.15 -2.26 -16.46
N HIS B 26 10.88 -0.96 -16.59
CA HIS B 26 10.86 -0.34 -17.91
C HIS B 26 12.28 -0.13 -18.42
N MET B 27 13.22 0.01 -17.49
CA MET B 27 14.61 0.19 -17.86
C MET B 27 15.16 -1.16 -18.31
N VAL B 28 14.71 -2.23 -17.66
CA VAL B 28 15.15 -3.57 -18.04
C VAL B 28 14.61 -3.90 -19.42
N LYS B 29 13.33 -3.64 -19.64
CA LYS B 29 12.71 -3.91 -20.92
C LYS B 29 13.31 -3.03 -22.02
N GLY B 30 13.60 -1.78 -21.68
CA GLY B 30 14.19 -0.88 -22.65
C GLY B 30 15.59 -1.33 -23.05
N SER B 31 16.35 -1.82 -22.07
CA SER B 31 17.71 -2.27 -22.32
C SER B 31 17.72 -3.46 -23.27
N LEU B 32 16.79 -4.39 -23.05
CA LEU B 32 16.69 -5.57 -23.90
C LEU B 32 16.20 -5.22 -25.31
N LYS B 33 15.21 -4.34 -25.38
CA LYS B 33 14.68 -3.92 -26.68
C LYS B 33 15.79 -3.31 -27.53
N LEU B 34 16.72 -2.64 -26.87
CA LEU B 34 17.84 -1.99 -27.55
C LEU B 34 19.02 -2.93 -27.80
N GLY B 35 18.83 -4.21 -27.49
CA GLY B 35 19.86 -5.21 -27.71
C GLY B 35 21.07 -5.23 -26.80
N HIS B 36 20.93 -4.66 -25.60
CA HIS B 36 22.04 -4.64 -24.66
C HIS B 36 22.05 -5.89 -23.80
N PRO B 37 23.23 -6.46 -23.54
CA PRO B 37 23.22 -7.65 -22.67
C PRO B 37 22.73 -7.04 -21.36
N THR B 38 21.71 -7.61 -20.75
CA THR B 38 21.16 -7.03 -19.53
C THR B 38 21.21 -7.92 -18.30
N TYR B 39 21.86 -7.42 -17.26
CA TYR B 39 21.98 -8.12 -15.99
C TYR B 39 21.00 -7.49 -14.99
N VAL B 40 20.22 -8.33 -14.33
CA VAL B 40 19.24 -7.86 -13.37
C VAL B 40 19.54 -8.43 -11.99
N PHE B 41 20.04 -7.58 -11.09
CA PHE B 41 20.36 -8.00 -9.73
C PHE B 41 19.07 -7.93 -8.92
N THR B 42 18.69 -9.02 -8.28
CA THR B 42 17.46 -9.05 -7.51
C THR B 42 17.56 -9.93 -6.26
N ARG B 43 16.76 -9.59 -5.25
CA ARG B 43 16.77 -10.34 -3.99
C ARG B 43 16.32 -11.79 -4.16
N PRO B 44 16.86 -12.68 -3.31
CA PRO B 44 16.53 -14.11 -3.33
C PRO B 44 15.04 -14.29 -3.05
N ASN B 45 14.56 -13.63 -2.01
CA ASN B 45 13.15 -13.69 -1.66
C ASN B 45 12.42 -12.73 -2.59
N SER B 46 11.82 -13.26 -3.63
CA SER B 46 11.13 -12.42 -4.59
C SER B 46 9.66 -12.78 -4.78
N SER B 47 8.81 -11.76 -4.70
CA SER B 47 7.37 -11.96 -4.91
C SER B 47 7.11 -11.63 -6.38
N LYS B 48 8.09 -10.99 -7.02
CA LYS B 48 8.01 -10.63 -8.44
C LYS B 48 8.63 -11.75 -9.28
N THR B 49 8.08 -12.95 -9.14
CA THR B 49 8.60 -14.08 -9.88
C THR B 49 8.13 -14.14 -11.32
N THR B 50 6.88 -13.77 -11.56
CA THR B 50 6.35 -13.81 -12.91
C THR B 50 6.98 -12.72 -13.75
N LEU B 51 7.50 -11.71 -13.08
CA LEU B 51 8.16 -10.61 -13.78
C LEU B 51 9.60 -10.99 -14.14
N LEU B 52 10.27 -11.68 -13.22
CA LEU B 52 11.64 -12.12 -13.48
C LEU B 52 11.69 -13.15 -14.62
N ASP B 53 10.68 -14.02 -14.67
CA ASP B 53 10.64 -15.02 -15.74
C ASP B 53 10.46 -14.31 -17.07
N GLU B 54 9.66 -13.24 -17.06
CA GLU B 54 9.43 -12.46 -18.28
C GLU B 54 10.75 -11.84 -18.73
N PHE B 55 11.50 -11.27 -17.79
CA PHE B 55 12.79 -10.66 -18.12
C PHE B 55 13.65 -11.73 -18.76
N GLN B 56 13.63 -12.93 -18.18
CA GLN B 56 14.41 -14.06 -18.66
C GLN B 56 14.05 -14.47 -20.08
N SER B 57 12.75 -14.58 -20.36
CA SER B 57 12.30 -14.97 -21.69
C SER B 57 12.69 -13.91 -22.72
N LEU B 58 12.96 -12.70 -22.25
CA LEU B 58 13.35 -11.60 -23.13
C LEU B 58 14.87 -11.56 -23.33
N GLY B 59 15.59 -12.39 -22.58
CA GLY B 59 17.03 -12.44 -22.71
C GLY B 59 17.87 -11.91 -21.55
N ALA B 60 17.22 -11.41 -20.50
CA ALA B 60 17.95 -10.88 -19.36
C ALA B 60 18.64 -11.95 -18.52
N ILE B 61 19.77 -11.58 -17.93
CA ILE B 61 20.51 -12.49 -17.06
C ILE B 61 20.15 -12.11 -15.63
N ILE B 62 19.48 -13.02 -14.95
CA ILE B 62 19.04 -12.76 -13.58
C ILE B 62 20.12 -13.16 -12.58
N VAL B 63 20.49 -12.22 -11.72
CA VAL B 63 21.50 -12.45 -10.69
C VAL B 63 20.87 -12.25 -9.32
N LYS B 64 20.68 -13.34 -8.59
CA LYS B 64 20.07 -13.24 -7.26
C LYS B 64 21.09 -12.98 -6.17
N GLY B 65 20.72 -12.09 -5.24
CA GLY B 65 21.62 -11.76 -4.15
C GLY B 65 21.16 -10.55 -3.35
N GLU B 66 21.91 -10.23 -2.30
CA GLU B 66 21.61 -9.10 -1.44
C GLU B 66 22.67 -8.02 -1.67
N LEU B 67 22.30 -6.77 -1.47
CA LEU B 67 23.24 -5.66 -1.66
C LEU B 67 24.39 -5.77 -0.66
N ASP B 68 24.18 -6.52 0.42
CA ASP B 68 25.21 -6.71 1.44
C ASP B 68 26.32 -7.64 1.00
N GLU B 69 26.15 -8.28 -0.14
CA GLU B 69 27.18 -9.20 -0.63
C GLU B 69 28.22 -8.44 -1.43
N HIS B 70 29.02 -7.64 -0.73
CA HIS B 70 30.06 -6.82 -1.35
C HIS B 70 30.93 -7.56 -2.37
N GLU B 71 31.44 -8.73 -2.00
CA GLU B 71 32.29 -9.48 -2.92
C GLU B 71 31.55 -9.89 -4.20
N LYS B 72 30.30 -10.32 -4.04
CA LYS B 72 29.51 -10.71 -5.21
C LYS B 72 29.32 -9.49 -6.12
N LEU B 73 29.03 -8.34 -5.53
CA LEU B 73 28.83 -7.12 -6.29
C LEU B 73 30.06 -6.73 -7.10
N VAL B 74 31.22 -6.77 -6.46
CA VAL B 74 32.47 -6.42 -7.14
C VAL B 74 32.75 -7.34 -8.34
N GLU B 75 32.56 -8.65 -8.16
CA GLU B 75 32.80 -9.60 -9.23
C GLU B 75 31.81 -9.41 -10.37
N LEU B 76 30.61 -8.96 -10.03
CA LEU B 76 29.58 -8.72 -11.03
C LEU B 76 29.92 -7.43 -11.79
N MET B 77 30.35 -6.41 -11.07
CA MET B 77 30.72 -5.13 -11.68
C MET B 77 31.78 -5.34 -12.76
N LYS B 78 32.75 -6.20 -12.46
CA LYS B 78 33.84 -6.48 -13.39
C LYS B 78 33.39 -7.04 -14.74
N LYS B 79 32.17 -7.56 -14.80
CA LYS B 79 31.64 -8.14 -16.02
C LYS B 79 30.80 -7.18 -16.86
N VAL B 80 30.47 -6.02 -16.31
CA VAL B 80 29.63 -5.08 -17.05
C VAL B 80 30.30 -3.73 -17.31
N ASP B 81 29.62 -2.89 -18.09
CA ASP B 81 30.15 -1.58 -18.43
C ASP B 81 29.32 -0.44 -17.85
N VAL B 82 28.01 -0.64 -17.78
CA VAL B 82 27.11 0.40 -17.28
C VAL B 82 26.26 -0.06 -16.10
N VAL B 83 26.11 0.81 -15.11
CA VAL B 83 25.31 0.48 -13.94
C VAL B 83 24.19 1.48 -13.76
N ILE B 84 22.96 0.98 -13.65
CA ILE B 84 21.80 1.84 -13.45
C ILE B 84 21.07 1.40 -12.20
N SER B 85 20.81 2.35 -11.30
CA SER B 85 20.08 2.05 -10.08
C SER B 85 18.72 2.71 -10.05
N ALA B 86 17.68 1.90 -9.81
CA ALA B 86 16.31 2.39 -9.74
C ALA B 86 15.71 1.97 -8.40
N LEU B 87 16.54 1.96 -7.36
CA LEU B 87 16.08 1.60 -6.02
C LEU B 87 15.07 2.62 -5.51
N ALA B 88 14.22 2.17 -4.57
CA ALA B 88 13.19 3.00 -3.97
C ALA B 88 13.70 3.89 -2.84
N PHE B 89 12.91 4.89 -2.47
CA PHE B 89 13.28 5.84 -1.43
C PHE B 89 13.90 5.25 -0.16
N PRO B 90 13.33 4.16 0.36
CA PRO B 90 13.87 3.55 1.58
C PRO B 90 15.30 3.02 1.43
N GLN B 91 15.74 2.83 0.19
CA GLN B 91 17.07 2.30 -0.07
C GLN B 91 18.04 3.32 -0.68
N ILE B 92 17.71 4.60 -0.63
CA ILE B 92 18.60 5.58 -1.25
C ILE B 92 20.05 5.49 -0.78
N LEU B 93 20.29 5.49 0.53
CA LEU B 93 21.66 5.42 1.00
C LEU B 93 22.27 4.03 0.83
N ASP B 94 21.44 3.03 0.60
CA ASP B 94 21.95 1.68 0.36
C ASP B 94 22.73 1.66 -0.96
N GLN B 95 22.55 2.69 -1.78
CA GLN B 95 23.27 2.75 -3.06
C GLN B 95 24.77 2.93 -2.81
N PHE B 96 25.15 3.22 -1.57
CA PHE B 96 26.56 3.37 -1.25
C PHE B 96 27.22 1.99 -1.31
N LYS B 97 26.41 0.95 -1.17
CA LYS B 97 26.92 -0.42 -1.26
C LYS B 97 27.23 -0.67 -2.74
N ILE B 98 26.39 -0.13 -3.61
CA ILE B 98 26.59 -0.28 -5.06
C ILE B 98 27.82 0.52 -5.45
N LEU B 99 27.90 1.75 -4.94
CA LEU B 99 29.02 2.63 -5.25
C LEU B 99 30.37 2.09 -4.76
N GLU B 100 30.36 1.44 -3.60
CA GLU B 100 31.61 0.89 -3.07
C GLU B 100 32.12 -0.18 -4.02
N ALA B 101 31.21 -0.98 -4.55
CA ALA B 101 31.58 -2.05 -5.47
C ALA B 101 32.10 -1.46 -6.78
N ILE B 102 31.43 -0.43 -7.27
CA ILE B 102 31.85 0.23 -8.51
C ILE B 102 33.29 0.75 -8.33
N LYS B 103 33.54 1.40 -7.20
CA LYS B 103 34.85 1.95 -6.89
C LYS B 103 35.93 0.88 -6.88
N VAL B 104 35.63 -0.25 -6.24
CA VAL B 104 36.59 -1.35 -6.19
C VAL B 104 36.83 -2.00 -7.55
N ALA B 105 35.76 -2.29 -8.29
CA ALA B 105 35.91 -2.91 -9.62
C ALA B 105 36.74 -2.00 -10.53
N GLY B 106 36.41 -0.72 -10.56
CA GLY B 106 37.14 0.24 -11.36
C GLY B 106 36.93 0.29 -12.87
N ASN B 107 36.12 -0.61 -13.41
CA ASN B 107 35.89 -0.66 -14.85
C ASN B 107 34.58 -0.09 -15.38
N ILE B 108 33.73 0.41 -14.48
CA ILE B 108 32.44 0.96 -14.91
C ILE B 108 32.60 2.23 -15.74
N LYS B 109 31.90 2.28 -16.87
CA LYS B 109 31.98 3.40 -17.79
C LYS B 109 30.91 4.48 -17.55
N ARG B 110 29.85 4.11 -16.84
CA ARG B 110 28.78 5.06 -16.55
C ARG B 110 27.91 4.55 -15.42
N PHE B 111 27.62 5.42 -14.46
CA PHE B 111 26.74 5.06 -13.36
C PHE B 111 25.58 6.04 -13.31
N LEU B 112 24.36 5.51 -13.30
CA LEU B 112 23.17 6.34 -13.20
C LEU B 112 22.50 6.03 -11.86
N PRO B 113 22.61 6.95 -10.88
CA PRO B 113 21.99 6.72 -9.58
C PRO B 113 20.47 6.84 -9.68
N SER B 114 19.78 6.37 -8.65
CA SER B 114 18.33 6.41 -8.65
C SER B 114 17.75 7.79 -8.41
N ASP B 115 17.67 8.59 -9.47
CA ASP B 115 17.09 9.91 -9.37
C ASP B 115 15.71 9.73 -10.01
N PHE B 116 15.66 9.92 -11.33
CA PHE B 116 14.44 9.74 -12.12
C PHE B 116 13.18 10.47 -11.64
N GLY B 117 13.37 11.72 -11.22
CA GLY B 117 12.25 12.52 -10.75
C GLY B 117 12.59 13.99 -10.91
N VAL B 118 12.53 14.73 -9.82
CA VAL B 118 12.85 16.15 -9.85
C VAL B 118 14.37 16.30 -9.93
N GLU B 119 14.82 17.50 -10.29
CA GLU B 119 16.26 17.77 -10.38
C GLU B 119 16.59 18.32 -8.99
N GLU B 120 16.90 17.41 -8.06
CA GLU B 120 17.17 17.78 -6.68
C GLU B 120 18.27 18.82 -6.45
N ASP B 121 19.18 19.00 -7.39
CA ASP B 121 20.24 19.98 -7.20
C ASP B 121 19.83 21.42 -7.52
N ARG B 122 18.59 21.63 -7.93
CA ARG B 122 18.14 22.99 -8.22
C ARG B 122 16.77 23.30 -7.64
N ILE B 123 16.20 22.38 -6.89
CA ILE B 123 14.91 22.61 -6.26
C ILE B 123 14.92 22.14 -4.81
N ASN B 124 14.03 22.71 -4.00
CA ASN B 124 13.90 22.33 -2.61
C ASN B 124 12.44 21.99 -2.35
N ALA B 125 12.20 21.13 -1.37
CA ALA B 125 10.84 20.72 -1.07
C ALA B 125 10.55 20.84 0.42
N LEU B 126 9.33 20.48 0.80
CA LEU B 126 8.96 20.52 2.21
C LEU B 126 9.75 19.42 2.91
N PRO B 127 10.10 19.64 4.19
CA PRO B 127 10.87 18.72 5.02
C PRO B 127 10.72 17.22 4.77
N PRO B 128 9.48 16.71 4.69
CA PRO B 128 9.31 15.28 4.45
C PRO B 128 9.99 14.78 3.17
N PHE B 129 9.84 15.54 2.09
CA PHE B 129 10.43 15.16 0.80
C PHE B 129 11.88 15.65 0.66
N GLU B 130 12.16 16.82 1.24
CA GLU B 130 13.51 17.38 1.19
C GLU B 130 14.53 16.42 1.80
N ALA B 131 14.15 15.74 2.88
CA ALA B 131 15.05 14.80 3.54
C ALA B 131 15.44 13.68 2.58
N LEU B 132 14.46 13.21 1.80
CA LEU B 132 14.70 12.15 0.85
C LEU B 132 15.60 12.61 -0.31
N ILE B 133 15.27 13.74 -0.93
CA ILE B 133 16.10 14.20 -2.03
C ILE B 133 17.48 14.63 -1.56
N GLU B 134 17.62 14.98 -0.28
CA GLU B 134 18.93 15.34 0.22
C GLU B 134 19.81 14.08 0.19
N ARG B 135 19.19 12.93 0.43
CA ARG B 135 19.90 11.66 0.41
C ARG B 135 20.36 11.38 -1.02
N LYS B 136 19.54 11.78 -1.99
CA LYS B 136 19.90 11.59 -3.38
C LYS B 136 21.08 12.51 -3.72
N ARG B 137 21.13 13.68 -3.10
CA ARG B 137 22.24 14.60 -3.34
C ARG B 137 23.54 14.02 -2.78
N MET B 138 23.44 13.35 -1.64
CA MET B 138 24.61 12.75 -1.00
C MET B 138 25.26 11.74 -1.94
N ILE B 139 24.45 10.98 -2.65
CA ILE B 139 24.95 9.99 -3.59
C ILE B 139 25.68 10.70 -4.72
N ARG B 140 25.07 11.76 -5.23
CA ARG B 140 25.68 12.53 -6.31
C ARG B 140 27.03 13.10 -5.90
N ARG B 141 27.10 13.68 -4.70
CA ARG B 141 28.36 14.24 -4.21
C ARG B 141 29.45 13.18 -4.10
N ALA B 142 29.06 11.99 -3.67
CA ALA B 142 30.02 10.89 -3.53
C ALA B 142 30.55 10.44 -4.89
N ILE B 143 29.67 10.39 -5.88
CA ILE B 143 30.03 10.01 -7.24
C ILE B 143 31.06 10.98 -7.81
N GLU B 144 30.78 12.27 -7.65
CA GLU B 144 31.65 13.33 -8.17
C GLU B 144 33.01 13.38 -7.49
N GLU B 145 33.00 13.17 -6.17
CA GLU B 145 34.24 13.19 -5.39
C GLU B 145 35.17 12.06 -5.83
N ALA B 146 34.58 10.94 -6.25
CA ALA B 146 35.36 9.78 -6.69
C ALA B 146 35.63 9.80 -8.19
N ASN B 147 35.14 10.83 -8.87
CA ASN B 147 35.33 10.97 -10.32
C ASN B 147 34.75 9.78 -11.11
N ILE B 148 33.65 9.22 -10.62
CA ILE B 148 32.99 8.11 -11.31
C ILE B 148 32.18 8.71 -12.44
N PRO B 149 32.32 8.20 -13.67
CA PRO B 149 31.54 8.73 -14.81
C PRO B 149 30.06 8.55 -14.53
N TYR B 150 29.27 9.60 -14.77
CA TYR B 150 27.85 9.51 -14.45
C TYR B 150 26.92 10.24 -15.40
N THR B 151 25.63 10.04 -15.15
CA THR B 151 24.57 10.73 -15.86
C THR B 151 23.46 10.82 -14.81
N TYR B 152 22.98 12.04 -14.57
CA TYR B 152 21.91 12.27 -13.62
C TYR B 152 20.65 12.49 -14.43
N VAL B 153 19.67 11.62 -14.24
CA VAL B 153 18.42 11.74 -15.00
C VAL B 153 17.26 12.31 -14.20
N SER B 154 16.70 13.41 -14.70
CA SER B 154 15.53 14.01 -14.09
C SER B 154 14.42 13.67 -15.09
N ALA B 155 13.65 12.63 -14.79
CA ALA B 155 12.59 12.17 -15.67
C ALA B 155 11.26 12.88 -15.45
N ASN B 156 11.21 13.73 -14.44
CA ASN B 156 10.01 14.46 -14.08
C ASN B 156 8.89 13.49 -13.65
N CYS B 157 7.63 13.82 -13.91
CA CYS B 157 6.52 12.96 -13.45
C CYS B 157 6.24 11.70 -14.27
N PHE B 158 6.02 10.57 -13.59
CA PHE B 158 5.70 9.32 -14.29
C PHE B 158 4.24 9.49 -14.71
N ALA B 159 4.01 9.58 -16.02
CA ALA B 159 2.68 9.81 -16.57
C ALA B 159 1.56 8.84 -16.20
N SER B 160 1.77 7.55 -16.42
CA SER B 160 0.71 6.59 -16.09
C SER B 160 0.38 6.67 -14.61
N TYR B 161 1.40 6.79 -13.79
CA TYR B 161 1.23 6.86 -12.35
C TYR B 161 0.35 8.03 -11.94
N PHE B 162 0.72 9.22 -12.41
CA PHE B 162 -0.04 10.41 -12.04
C PHE B 162 -1.34 10.62 -12.80
N ILE B 163 -1.46 10.08 -14.00
CA ILE B 163 -2.74 10.21 -14.69
C ILE B 163 -3.72 9.37 -13.84
N ASN B 164 -3.27 8.20 -13.40
CA ASN B 164 -4.11 7.35 -12.56
C ASN B 164 -4.43 8.04 -11.25
N TYR B 165 -3.39 8.57 -10.61
CA TYR B 165 -3.54 9.25 -9.33
C TYR B 165 -4.41 10.51 -9.38
N LEU B 166 -4.22 11.33 -10.40
CA LEU B 166 -4.97 12.59 -10.53
C LEU B 166 -6.36 12.47 -11.14
N LEU B 167 -6.50 11.65 -12.17
CA LEU B 167 -7.79 11.51 -12.84
C LEU B 167 -8.62 10.32 -12.36
N ARG B 168 -7.98 9.36 -11.69
CA ARG B 168 -8.66 8.17 -11.18
C ARG B 168 -9.63 7.67 -12.26
N PRO B 169 -9.12 7.41 -13.47
CA PRO B 169 -9.93 6.93 -14.61
C PRO B 169 -10.74 5.67 -14.34
N TYR B 170 -10.30 4.88 -13.38
CA TYR B 170 -10.99 3.65 -13.02
C TYR B 170 -12.08 3.91 -11.97
N ASP B 171 -12.30 5.19 -11.67
CA ASP B 171 -13.31 5.60 -10.69
C ASP B 171 -14.45 6.39 -11.33
N PRO B 172 -15.67 5.84 -11.30
CA PRO B 172 -16.85 6.50 -11.88
C PRO B 172 -17.35 7.74 -11.14
N LYS B 173 -16.58 8.26 -10.19
CA LYS B 173 -16.99 9.43 -9.43
C LYS B 173 -17.26 10.66 -10.31
N ASP B 174 -18.05 11.60 -9.78
CA ASP B 174 -18.39 12.81 -10.52
C ASP B 174 -17.57 14.02 -10.09
N GLU B 175 -16.66 13.81 -9.14
CA GLU B 175 -15.81 14.87 -8.64
C GLU B 175 -14.35 14.50 -8.87
N ILE B 176 -13.50 15.52 -8.91
CA ILE B 176 -12.07 15.30 -9.07
C ILE B 176 -11.33 16.24 -8.12
N THR B 177 -10.38 15.69 -7.39
CA THR B 177 -9.61 16.48 -6.44
C THR B 177 -8.50 17.25 -7.14
N VAL B 178 -8.37 18.53 -6.81
CA VAL B 178 -7.34 19.36 -7.38
C VAL B 178 -6.48 19.82 -6.21
N TYR B 179 -5.16 19.72 -6.38
CA TYR B 179 -4.24 20.11 -5.32
C TYR B 179 -3.80 21.54 -5.53
N GLY B 180 -4.13 22.40 -4.56
CA GLY B 180 -3.79 23.80 -4.70
C GLY B 180 -4.73 24.39 -5.72
N THR B 181 -4.31 25.47 -6.36
CA THR B 181 -5.13 26.13 -7.38
C THR B 181 -5.24 25.26 -8.63
N GLY B 182 -4.24 24.42 -8.85
CA GLY B 182 -4.22 23.55 -10.01
C GLY B 182 -3.60 24.22 -11.22
N GLU B 183 -3.05 25.41 -11.03
CA GLU B 183 -2.45 26.17 -12.12
C GLU B 183 -0.97 25.94 -12.34
N ALA B 184 -0.31 25.23 -11.43
CA ALA B 184 1.12 24.98 -11.58
C ALA B 184 1.38 24.01 -12.71
N LYS B 185 2.40 24.30 -13.52
CA LYS B 185 2.75 23.44 -14.64
C LYS B 185 3.68 22.32 -14.20
N PHE B 186 3.57 21.17 -14.88
CA PHE B 186 4.42 20.03 -14.59
C PHE B 186 4.61 19.24 -15.89
N ALA B 187 5.69 18.46 -15.95
CA ALA B 187 5.94 17.67 -17.14
C ALA B 187 5.82 16.20 -16.76
N MET B 188 5.11 15.43 -17.58
CA MET B 188 4.97 14.02 -17.28
C MET B 188 5.29 13.19 -18.51
N ASN B 189 6.06 12.13 -18.30
CA ASN B 189 6.49 11.25 -19.37
C ASN B 189 6.06 9.81 -19.16
N TYR B 190 5.74 9.13 -20.26
CA TYR B 190 5.30 7.73 -20.23
C TYR B 190 6.45 6.86 -19.72
N GLU B 191 6.15 6.02 -18.74
CA GLU B 191 7.16 5.15 -18.14
C GLU B 191 7.98 4.34 -19.15
N GLN B 192 7.31 3.80 -20.16
CA GLN B 192 8.00 3.02 -21.17
C GLN B 192 9.06 3.86 -21.88
N ASP B 193 8.76 5.13 -22.12
CA ASP B 193 9.70 6.04 -22.78
C ASP B 193 10.84 6.42 -21.84
N ILE B 194 10.51 6.65 -20.58
CA ILE B 194 11.52 6.98 -19.58
C ILE B 194 12.55 5.85 -19.58
N GLY B 195 12.07 4.62 -19.65
CA GLY B 195 12.98 3.48 -19.66
C GLY B 195 13.88 3.45 -20.88
N LEU B 196 13.27 3.63 -22.04
CA LEU B 196 13.99 3.59 -23.31
C LEU B 196 15.06 4.68 -23.38
N TYR B 197 14.65 5.92 -23.16
CA TYR B 197 15.57 7.07 -23.20
C TYR B 197 16.70 6.96 -22.18
N THR B 198 16.41 6.36 -21.03
CA THR B 198 17.43 6.21 -20.01
C THR B 198 18.56 5.30 -20.50
N ILE B 199 18.20 4.22 -21.17
CA ILE B 199 19.21 3.31 -21.69
C ILE B 199 20.01 4.00 -22.79
N LYS B 200 19.33 4.77 -23.63
CA LYS B 200 19.98 5.50 -24.72
C LYS B 200 21.01 6.50 -24.18
N VAL B 201 20.59 7.35 -23.24
CA VAL B 201 21.51 8.34 -22.72
C VAL B 201 22.65 7.74 -21.91
N ALA B 202 22.43 6.57 -21.32
CA ALA B 202 23.47 5.93 -20.50
C ALA B 202 24.69 5.51 -21.33
N THR B 203 24.52 5.45 -22.65
CA THR B 203 25.63 5.07 -23.54
C THR B 203 25.92 6.16 -24.56
N ASP B 204 25.29 7.31 -24.39
CA ASP B 204 25.47 8.45 -25.29
C ASP B 204 26.56 9.37 -24.73
N PRO B 205 27.61 9.65 -25.50
CA PRO B 205 28.70 10.52 -25.04
C PRO B 205 28.21 11.92 -24.68
N ARG B 206 27.14 12.37 -25.34
CA ARG B 206 26.61 13.69 -25.09
C ARG B 206 26.01 13.82 -23.69
N ALA B 207 25.81 12.68 -23.03
CA ALA B 207 25.25 12.66 -21.69
C ALA B 207 26.28 12.33 -20.62
N LEU B 208 27.52 12.08 -21.04
CA LEU B 208 28.58 11.75 -20.10
C LEU B 208 28.83 12.88 -19.10
N ASN B 209 28.68 12.56 -17.81
CA ASN B 209 28.88 13.51 -16.71
C ASN B 209 28.00 14.73 -16.80
N ARG B 210 26.75 14.53 -17.19
CA ARG B 210 25.83 15.64 -17.29
C ARG B 210 24.47 15.32 -16.70
N VAL B 211 23.69 16.37 -16.48
CA VAL B 211 22.33 16.21 -15.98
C VAL B 211 21.48 16.15 -17.24
N VAL B 212 20.66 15.11 -17.35
CA VAL B 212 19.77 14.95 -18.50
C VAL B 212 18.34 15.06 -18.00
N ILE B 213 17.57 15.96 -18.61
CA ILE B 213 16.20 16.21 -18.24
C ILE B 213 15.21 15.82 -19.34
N TYR B 214 14.13 15.14 -18.95
CA TYR B 214 13.11 14.72 -19.90
C TYR B 214 11.97 15.72 -19.86
N ARG B 215 11.99 16.69 -20.77
CA ARG B 215 10.92 17.68 -20.78
C ARG B 215 10.44 17.95 -22.21
N PRO B 216 9.80 16.95 -22.84
CA PRO B 216 9.31 17.20 -24.21
C PRO B 216 8.21 18.26 -24.15
N SER B 217 8.22 19.18 -25.11
CA SER B 217 7.24 20.27 -25.17
C SER B 217 5.78 19.83 -25.23
N THR B 218 5.54 18.62 -25.69
CA THR B 218 4.18 18.08 -25.81
C THR B 218 3.69 17.44 -24.51
N ASN B 219 4.52 17.45 -23.47
CA ASN B 219 4.13 16.83 -22.21
C ASN B 219 4.15 17.76 -21.01
N ILE B 220 3.90 19.03 -21.27
CA ILE B 220 3.85 20.06 -20.22
C ILE B 220 2.39 20.46 -20.06
N ILE B 221 1.89 20.44 -18.83
CA ILE B 221 0.48 20.76 -18.61
C ILE B 221 0.22 21.11 -17.15
N THR B 222 -1.00 21.53 -16.85
CA THR B 222 -1.39 21.84 -15.47
C THR B 222 -2.51 20.87 -15.10
N GLN B 223 -2.83 20.75 -13.82
CA GLN B 223 -3.89 19.84 -13.39
C GLN B 223 -5.22 20.23 -14.06
N LEU B 224 -5.52 21.52 -14.09
CA LEU B 224 -6.76 21.99 -14.70
C LEU B 224 -6.86 21.66 -16.19
N GLU B 225 -5.77 21.84 -16.92
CA GLU B 225 -5.76 21.53 -18.35
C GLU B 225 -5.89 20.03 -18.59
N LEU B 226 -5.22 19.24 -17.75
CA LEU B 226 -5.27 17.78 -17.87
C LEU B 226 -6.72 17.34 -17.68
N ILE B 227 -7.37 17.89 -16.67
CA ILE B 227 -8.77 17.56 -16.41
C ILE B 227 -9.65 17.93 -17.62
N SER B 228 -9.46 19.16 -18.12
CA SER B 228 -10.23 19.64 -19.26
C SER B 228 -10.09 18.72 -20.47
N ARG B 229 -8.86 18.34 -20.78
CA ARG B 229 -8.62 17.46 -21.93
C ARG B 229 -9.22 16.06 -21.72
N TRP B 230 -9.16 15.54 -20.50
CA TRP B 230 -9.72 14.22 -20.21
C TRP B 230 -11.24 14.27 -20.36
N GLU B 231 -11.85 15.34 -19.86
CA GLU B 231 -13.30 15.50 -19.96
C GLU B 231 -13.73 15.43 -21.43
N LYS B 232 -12.97 16.07 -22.31
CA LYS B 232 -13.31 16.05 -23.73
C LYS B 232 -13.15 14.65 -24.32
N LYS B 233 -12.13 13.92 -23.86
CA LYS B 233 -11.87 12.57 -24.35
C LYS B 233 -12.98 11.58 -24.02
N ILE B 234 -13.54 11.69 -22.82
CA ILE B 234 -14.56 10.75 -22.40
C ILE B 234 -15.98 11.29 -22.38
N GLY B 235 -16.12 12.58 -22.69
CA GLY B 235 -17.44 13.20 -22.74
C GLY B 235 -18.15 13.34 -21.41
N LYS B 236 -17.40 13.64 -20.36
CA LYS B 236 -17.98 13.79 -19.03
C LYS B 236 -17.40 15.00 -18.32
N LYS B 237 -18.21 15.65 -17.50
CA LYS B 237 -17.77 16.81 -16.74
C LYS B 237 -17.65 16.43 -15.27
N PHE B 238 -16.61 16.94 -14.62
CA PHE B 238 -16.36 16.65 -13.21
C PHE B 238 -16.48 17.91 -12.36
N LYS B 239 -16.82 17.73 -11.09
CA LYS B 239 -16.90 18.86 -10.17
C LYS B 239 -15.51 18.89 -9.52
N LYS B 240 -14.80 20.00 -9.67
CA LYS B 240 -13.46 20.10 -9.10
C LYS B 240 -13.47 20.50 -7.63
N ILE B 241 -12.83 19.69 -6.78
CA ILE B 241 -12.75 19.97 -5.37
C ILE B 241 -11.30 20.29 -5.04
N HIS B 242 -11.03 21.54 -4.72
CA HIS B 242 -9.67 21.98 -4.42
C HIS B 242 -9.25 21.73 -2.97
N VAL B 243 -7.98 21.37 -2.80
CA VAL B 243 -7.40 21.14 -1.49
C VAL B 243 -6.37 22.25 -1.32
N PRO B 244 -6.70 23.30 -0.56
CA PRO B 244 -5.86 24.46 -0.28
C PRO B 244 -4.40 24.15 -0.03
N GLU B 245 -3.52 25.03 -0.48
CA GLU B 245 -2.09 24.86 -0.28
C GLU B 245 -1.77 24.83 1.20
N GLU B 246 -2.33 25.79 1.94
CA GLU B 246 -2.13 25.86 3.39
C GLU B 246 -2.50 24.54 4.04
N GLU B 247 -3.55 23.91 3.52
CA GLU B 247 -4.00 22.63 4.05
C GLU B 247 -2.95 21.55 3.83
N ILE B 248 -2.41 21.49 2.62
CA ILE B 248 -1.40 20.52 2.25
C ILE B 248 -0.15 20.67 3.13
N VAL B 249 0.27 21.92 3.31
CA VAL B 249 1.45 22.22 4.12
C VAL B 249 1.29 21.77 5.56
N ALA B 250 0.14 22.07 6.15
CA ALA B 250 -0.13 21.70 7.53
C ALA B 250 -0.05 20.18 7.73
N LEU B 251 -0.62 19.44 6.79
CA LEU B 251 -0.62 17.98 6.85
C LEU B 251 0.78 17.39 6.92
N THR B 252 1.72 17.95 6.18
CA THR B 252 3.08 17.45 6.16
C THR B 252 3.75 17.62 7.52
N LYS B 253 3.18 18.49 8.35
CA LYS B 253 3.73 18.74 9.68
C LYS B 253 3.12 17.86 10.75
N GLU B 254 1.87 17.46 10.56
CA GLU B 254 1.18 16.62 11.54
C GLU B 254 1.12 15.13 11.22
N LEU B 255 0.80 14.77 9.99
CA LEU B 255 0.74 13.35 9.63
C LEU B 255 2.14 12.79 9.87
N PRO B 256 2.26 11.49 10.17
CA PRO B 256 3.59 10.93 10.40
C PRO B 256 4.18 10.36 9.10
N GLU B 257 5.41 9.84 9.20
CA GLU B 257 6.07 9.22 8.09
C GLU B 257 5.57 7.79 8.12
N PRO B 258 5.32 7.19 6.95
CA PRO B 258 5.50 7.69 5.59
C PRO B 258 4.28 8.42 4.99
N GLU B 259 3.23 8.59 5.78
CA GLU B 259 2.02 9.26 5.29
C GLU B 259 2.23 10.66 4.71
N ASN B 260 3.02 11.49 5.39
CA ASN B 260 3.24 12.87 4.93
C ASN B 260 4.18 13.04 3.74
N ILE B 261 4.83 11.97 3.31
CA ILE B 261 5.74 12.08 2.18
C ILE B 261 4.99 12.29 0.87
N PRO B 262 3.97 11.45 0.58
CA PRO B 262 3.21 11.63 -0.66
C PRO B 262 2.60 13.03 -0.74
N ILE B 263 2.19 13.56 0.41
CA ILE B 263 1.60 14.88 0.47
C ILE B 263 2.65 15.94 0.13
N ALA B 264 3.87 15.77 0.66
CA ALA B 264 4.95 16.71 0.39
C ALA B 264 5.30 16.66 -1.09
N ILE B 265 5.21 15.48 -1.68
CA ILE B 265 5.54 15.34 -3.10
C ILE B 265 4.47 16.00 -3.94
N LEU B 266 3.20 15.84 -3.57
CA LEU B 266 2.12 16.47 -4.31
C LEU B 266 2.31 17.99 -4.31
N HIS B 267 2.73 18.52 -3.18
CA HIS B 267 2.95 19.95 -3.08
C HIS B 267 4.07 20.37 -4.02
N CYS B 268 5.19 19.64 -3.95
CA CYS B 268 6.35 19.93 -4.77
C CYS B 268 6.03 19.93 -6.27
N LEU B 269 5.39 18.85 -6.72
CA LEU B 269 5.06 18.70 -8.13
C LEU B 269 3.89 19.48 -8.68
N PHE B 270 2.81 19.57 -7.91
CA PHE B 270 1.61 20.22 -8.38
C PHE B 270 1.20 21.57 -7.79
N ILE B 271 1.94 22.04 -6.80
CA ILE B 271 1.64 23.33 -6.21
C ILE B 271 2.83 24.24 -6.46
N ASP B 272 4.01 23.80 -6.07
CA ASP B 272 5.22 24.56 -6.28
C ASP B 272 5.62 24.47 -7.76
N GLY B 273 5.20 23.39 -8.42
CA GLY B 273 5.52 23.20 -9.83
C GLY B 273 7.00 23.02 -10.08
N ALA B 274 7.64 22.20 -9.23
CA ALA B 274 9.07 21.96 -9.29
C ALA B 274 9.66 21.42 -10.59
N THR B 275 8.89 20.70 -11.40
CA THR B 275 9.45 20.18 -12.64
C THR B 275 9.50 21.21 -13.76
N MET B 276 8.88 22.36 -13.53
CA MET B 276 8.83 23.44 -14.53
C MET B 276 9.18 24.82 -13.97
N SER B 277 9.74 24.87 -12.77
CA SER B 277 10.08 26.12 -12.11
C SER B 277 11.43 26.71 -12.49
N TYR B 278 12.15 26.05 -13.39
CA TYR B 278 13.47 26.53 -13.78
C TYR B 278 13.70 26.51 -15.29
N ASP B 279 14.72 27.26 -15.71
CA ASP B 279 15.09 27.30 -17.13
C ASP B 279 16.34 26.45 -17.25
N PHE B 280 16.59 25.91 -18.44
CA PHE B 280 17.75 25.06 -18.64
C PHE B 280 19.08 25.77 -18.46
N LYS B 281 20.06 25.03 -17.94
CA LYS B 281 21.40 25.56 -17.72
C LYS B 281 22.22 25.27 -18.97
N GLU B 282 23.39 25.91 -19.05
CA GLU B 282 24.29 25.73 -20.19
C GLU B 282 24.60 24.28 -20.50
N ASN B 283 24.98 23.53 -19.46
CA ASN B 283 25.35 22.13 -19.62
C ASN B 283 24.19 21.13 -19.53
N ASP B 284 22.97 21.62 -19.31
CA ASP B 284 21.83 20.72 -19.24
C ASP B 284 21.58 20.08 -20.61
N VAL B 285 21.11 18.84 -20.61
CA VAL B 285 20.78 18.15 -21.84
C VAL B 285 19.30 17.80 -21.73
N GLU B 286 18.50 18.20 -22.71
CA GLU B 286 17.08 17.87 -22.70
C GLU B 286 16.99 16.70 -23.67
N ALA B 287 16.68 15.53 -23.12
CA ALA B 287 16.61 14.28 -23.87
C ALA B 287 15.81 14.21 -25.16
N SER B 288 14.65 14.86 -25.22
CA SER B 288 13.83 14.78 -26.43
C SER B 288 14.51 15.34 -27.68
N THR B 289 15.56 16.13 -27.49
CA THR B 289 16.29 16.73 -28.61
C THR B 289 17.42 15.83 -29.12
N LEU B 290 17.67 14.73 -28.42
CA LEU B 290 18.76 13.82 -28.75
C LEU B 290 18.63 12.82 -29.90
N TYR B 291 17.45 12.24 -30.07
CA TYR B 291 17.28 11.23 -31.10
C TYR B 291 16.15 11.51 -32.08
N PRO B 292 16.48 11.75 -33.35
CA PRO B 292 15.46 12.04 -34.36
C PRO B 292 14.60 10.82 -34.72
N GLU B 293 15.07 9.63 -34.33
CA GLU B 293 14.35 8.41 -34.65
C GLU B 293 13.35 8.03 -33.56
N LEU B 294 13.36 8.77 -32.47
CA LEU B 294 12.47 8.51 -31.35
C LEU B 294 11.79 9.77 -30.89
N LYS B 295 10.72 9.61 -30.11
CA LYS B 295 9.99 10.72 -29.55
C LYS B 295 9.20 10.24 -28.34
N PHE B 296 8.96 11.14 -27.40
CA PHE B 296 8.20 10.80 -26.20
C PHE B 296 6.72 10.75 -26.55
N THR B 297 6.02 9.75 -26.01
CA THR B 297 4.59 9.61 -26.22
C THR B 297 3.99 10.89 -25.65
N THR B 298 3.15 11.56 -26.43
CA THR B 298 2.57 12.84 -25.99
C THR B 298 1.42 12.67 -25.01
N ILE B 299 0.99 13.78 -24.41
CA ILE B 299 -0.12 13.76 -23.48
C ILE B 299 -1.41 13.30 -24.16
N ASP B 300 -1.65 13.75 -25.40
CA ASP B 300 -2.86 13.31 -26.09
C ASP B 300 -2.81 11.80 -26.33
N GLU B 301 -1.64 11.30 -26.72
CA GLU B 301 -1.48 9.89 -26.98
C GLU B 301 -1.66 9.10 -25.69
N LEU B 302 -1.21 9.67 -24.58
CA LEU B 302 -1.35 9.03 -23.26
C LEU B 302 -2.82 8.93 -22.86
N LEU B 303 -3.57 10.00 -23.09
CA LEU B 303 -4.99 9.98 -22.74
C LEU B 303 -5.70 8.97 -23.63
N ASP B 304 -5.22 8.80 -24.87
CA ASP B 304 -5.85 7.83 -25.76
C ASP B 304 -5.62 6.43 -25.22
N ILE B 305 -4.42 6.18 -24.71
CA ILE B 305 -4.09 4.88 -24.14
C ILE B 305 -5.01 4.60 -22.97
N PHE B 306 -5.29 5.61 -22.13
CA PHE B 306 -6.17 5.39 -21.00
C PHE B 306 -7.62 5.17 -21.42
N VAL B 307 -7.99 5.68 -22.59
CA VAL B 307 -9.35 5.50 -23.08
C VAL B 307 -9.52 4.08 -23.62
N HIS B 308 -8.51 3.61 -24.36
CA HIS B 308 -8.55 2.29 -24.98
C HIS B 308 -8.03 1.11 -24.18
N ASP B 309 -6.91 1.30 -23.48
CA ASP B 309 -6.32 0.21 -22.69
C ASP B 309 -5.46 0.78 -21.59
N PRO B 310 -6.10 1.41 -20.59
CA PRO B 310 -5.44 2.04 -19.44
C PRO B 310 -4.68 1.07 -18.54
N PRO B 311 -3.48 1.49 -18.08
CA PRO B 311 -2.65 0.67 -17.20
C PRO B 311 -3.15 0.78 -15.76
N PRO B 312 -2.90 -0.26 -14.94
CA PRO B 312 -3.34 -0.27 -13.54
C PRO B 312 -2.59 0.76 -12.70
N PRO B 313 -3.24 1.30 -11.65
CA PRO B 313 -2.63 2.28 -10.76
C PRO B 313 -1.53 1.69 -9.89
N ALA B 314 -0.63 2.54 -9.40
CA ALA B 314 0.46 2.09 -8.55
C ALA B 314 0.68 3.04 -7.38
N SER B 315 1.50 2.61 -6.41
CA SER B 315 1.80 3.40 -5.24
C SER B 315 3.28 3.24 -4.85
N ALA B 316 4.02 4.35 -4.90
CA ALA B 316 5.46 4.34 -4.58
C ALA B 316 5.73 4.01 -3.12
N ALA B 317 6.81 3.25 -2.89
CA ALA B 317 7.20 2.84 -1.55
C ALA B 317 7.89 3.95 -0.78
N PHE B 318 7.52 4.12 0.49
CA PHE B 318 8.10 5.14 1.35
C PHE B 318 8.37 4.55 2.74
#